data_7SOG
#
_entry.id   7SOG
#
_cell.length_a   53.720
_cell.length_b   41.290
_cell.length_c   55.500
_cell.angle_alpha   90.000
_cell.angle_beta   95.840
_cell.angle_gamma   90.000
#
_symmetry.space_group_name_H-M   'P 1 21 1'
#
loop_
_entity.id
_entity.type
_entity.pdbx_description
1 polymer Actophorin
2 non-polymer 'NICKEL (II) ION'
3 water water
#
_entity_poly.entity_id   1
_entity_poly.type   'polypeptide(L)'
_entity_poly.pdbx_seq_one_letter_code
;GPGIAVSDDCVQKFNELKLGKKHRYVIFKLNDDNTEVVVEKVGGPNATYEDFLAQLPENDCRYAIFDYEFEVDGGQRNKI
VFILWAPDSAPIKSKMMYASSKDAIKKKLDGIQVEVQATDADEISEDAVKERAKK
;
_entity_poly.pdbx_strand_id   A,B
#
# COMPACT_ATOMS: atom_id res chain seq x y z
N GLY A 1 -9.85 9.29 0.95
CA GLY A 1 -10.81 9.08 -0.12
C GLY A 1 -11.85 8.04 0.24
N PRO A 2 -12.87 7.89 -0.62
CA PRO A 2 -13.90 6.89 -0.33
C PRO A 2 -13.34 5.48 -0.41
N GLY A 3 -13.87 4.60 0.43
CA GLY A 3 -13.49 3.20 0.33
C GLY A 3 -13.90 2.61 -1.00
N ILE A 4 -13.05 1.73 -1.54
CA ILE A 4 -13.36 1.09 -2.81
C ILE A 4 -14.60 0.21 -2.65
N ALA A 5 -15.39 0.10 -3.72
CA ALA A 5 -16.53 -0.79 -3.68
C ALA A 5 -16.08 -2.23 -3.78
N VAL A 6 -16.85 -3.12 -3.17
CA VAL A 6 -16.57 -4.56 -3.22
C VAL A 6 -17.80 -5.25 -3.78
N SER A 7 -17.66 -5.85 -4.96
N SER A 7 -17.65 -5.85 -4.96
CA SER A 7 -18.82 -6.46 -5.61
CA SER A 7 -18.78 -6.53 -5.59
C SER A 7 -19.39 -7.58 -4.73
C SER A 7 -19.40 -7.55 -4.67
N ASP A 8 -20.71 -7.70 -4.76
CA ASP A 8 -21.39 -8.76 -4.01
C ASP A 8 -20.92 -10.14 -4.41
N ASP A 9 -20.40 -10.28 -5.64
CA ASP A 9 -19.90 -11.59 -6.08
C ASP A 9 -18.72 -12.06 -5.23
N CYS A 10 -17.89 -11.13 -4.74
CA CYS A 10 -16.78 -11.50 -3.90
C CYS A 10 -17.26 -12.24 -2.66
N VAL A 11 -18.25 -11.67 -1.96
CA VAL A 11 -18.77 -12.32 -0.77
C VAL A 11 -19.45 -13.63 -1.15
N GLN A 12 -20.20 -13.61 -2.25
CA GLN A 12 -20.95 -14.79 -2.67
C GLN A 12 -20.02 -15.96 -2.94
N LYS A 13 -18.92 -15.71 -3.67
CA LYS A 13 -17.99 -16.79 -3.96
C LYS A 13 -17.16 -17.17 -2.73
N PHE A 14 -16.84 -16.21 -1.88
CA PHE A 14 -16.12 -16.53 -0.66
C PHE A 14 -16.94 -17.46 0.23
N ASN A 15 -18.24 -17.19 0.37
CA ASN A 15 -19.08 -18.04 1.19
C ASN A 15 -19.26 -19.42 0.58
N GLU A 16 -19.31 -19.51 -0.75
CA GLU A 16 -19.29 -20.83 -1.39
C GLU A 16 -18.05 -21.62 -0.98
N LEU A 17 -16.92 -20.94 -0.83
CA LEU A 17 -15.69 -21.59 -0.40
C LEU A 17 -15.73 -21.90 1.09
N LYS A 18 -16.06 -20.90 1.91
CA LYS A 18 -16.02 -21.06 3.36
C LYS A 18 -17.08 -22.05 3.85
N LEU A 19 -18.26 -22.02 3.25
CA LEU A 19 -19.40 -22.79 3.75
C LEU A 19 -19.59 -24.09 2.98
N GLY A 20 -19.59 -24.04 1.65
CA GLY A 20 -19.87 -25.21 0.85
C GLY A 20 -18.69 -26.05 0.44
N LYS A 21 -17.47 -25.59 0.72
CA LYS A 21 -16.28 -26.23 0.16
C LYS A 21 -16.50 -26.51 -1.33
N LYS A 22 -17.09 -25.53 -2.03
CA LYS A 22 -17.39 -25.66 -3.45
C LYS A 22 -16.23 -25.22 -4.34
N HIS A 23 -15.32 -24.42 -3.81
CA HIS A 23 -14.22 -23.87 -4.58
C HIS A 23 -13.00 -23.92 -3.69
N ARG A 24 -11.87 -24.37 -4.24
CA ARG A 24 -10.63 -24.43 -3.47
C ARG A 24 -10.09 -23.04 -3.23
N TYR A 25 -10.30 -22.13 -4.17
CA TYR A 25 -9.70 -20.81 -4.08
C TYR A 25 -10.50 -19.85 -4.93
N VAL A 26 -10.35 -18.57 -4.59
CA VAL A 26 -10.95 -17.45 -5.30
C VAL A 26 -9.87 -16.39 -5.47
N ILE A 27 -9.73 -15.86 -6.69
CA ILE A 27 -8.79 -14.76 -6.93
C ILE A 27 -9.61 -13.53 -7.24
N PHE A 28 -9.30 -12.42 -6.56
CA PHE A 28 -9.97 -11.14 -6.75
C PHE A 28 -8.99 -10.15 -7.35
N LYS A 29 -9.51 -9.18 -8.09
CA LYS A 29 -8.70 -8.12 -8.64
C LYS A 29 -9.43 -6.79 -8.57
N LEU A 30 -8.66 -5.71 -8.66
CA LEU A 30 -9.23 -4.38 -8.82
C LEU A 30 -9.64 -4.20 -10.28
N ASN A 31 -10.84 -3.68 -10.51
CA ASN A 31 -11.31 -3.50 -11.87
C ASN A 31 -10.45 -2.45 -12.58
N ASP A 32 -10.74 -2.22 -13.86
CA ASP A 32 -9.88 -1.39 -14.69
C ASP A 32 -9.78 0.03 -14.15
N ASP A 33 -10.88 0.55 -13.62
CA ASP A 33 -10.92 1.92 -13.11
C ASP A 33 -10.54 2.02 -11.64
N ASN A 34 -10.16 0.91 -11.00
CA ASN A 34 -9.78 0.89 -9.59
C ASN A 34 -10.88 1.51 -8.73
N THR A 35 -12.11 1.17 -9.04
CA THR A 35 -13.27 1.61 -8.28
C THR A 35 -14.03 0.48 -7.62
N GLU A 36 -13.71 -0.78 -7.92
CA GLU A 36 -14.40 -1.90 -7.31
C GLU A 36 -13.52 -3.13 -7.32
N VAL A 37 -13.64 -3.94 -6.27
CA VAL A 37 -13.01 -5.25 -6.22
C VAL A 37 -13.97 -6.27 -6.81
N VAL A 38 -13.46 -7.12 -7.70
CA VAL A 38 -14.26 -8.09 -8.44
C VAL A 38 -13.60 -9.45 -8.42
N VAL A 39 -14.40 -10.47 -8.70
CA VAL A 39 -13.87 -11.83 -8.84
C VAL A 39 -13.25 -11.99 -10.23
N GLU A 40 -12.01 -12.48 -10.28
CA GLU A 40 -11.38 -12.79 -11.56
C GLU A 40 -11.46 -14.27 -11.91
N LYS A 41 -11.11 -15.14 -10.98
CA LYS A 41 -11.01 -16.57 -11.24
C LYS A 41 -11.39 -17.33 -9.98
N VAL A 42 -11.93 -18.52 -10.19
N VAL A 42 -12.00 -18.49 -10.19
CA VAL A 42 -12.30 -19.41 -9.10
CA VAL A 42 -12.29 -19.41 -9.10
C VAL A 42 -11.89 -20.82 -9.47
C VAL A 42 -11.78 -20.79 -9.48
N GLY A 43 -11.42 -21.57 -8.48
CA GLY A 43 -10.92 -22.91 -8.69
C GLY A 43 -12.02 -23.92 -8.35
N GLY A 44 -11.90 -25.11 -8.93
CA GLY A 44 -12.80 -26.21 -8.63
C GLY A 44 -12.62 -26.67 -7.21
N PRO A 45 -13.60 -27.42 -6.69
CA PRO A 45 -13.49 -27.88 -5.29
C PRO A 45 -12.22 -28.65 -5.01
N ASN A 46 -11.62 -29.28 -6.02
CA ASN A 46 -10.48 -30.15 -5.85
C ASN A 46 -9.21 -29.59 -6.50
N ALA A 47 -9.19 -28.32 -6.86
CA ALA A 47 -7.99 -27.75 -7.44
C ALA A 47 -6.83 -27.87 -6.46
N THR A 48 -5.63 -27.88 -7.00
CA THR A 48 -4.42 -27.99 -6.20
C THR A 48 -3.81 -26.61 -5.95
N TYR A 49 -2.87 -26.56 -5.00
CA TYR A 49 -2.17 -25.30 -4.77
C TYR A 49 -1.36 -24.90 -6.00
N GLU A 50 -0.81 -25.87 -6.74
CA GLU A 50 -0.08 -25.51 -7.96
C GLU A 50 -1.01 -24.97 -9.03
N ASP A 51 -2.24 -25.47 -9.12
CA ASP A 51 -3.24 -24.88 -10.00
C ASP A 51 -3.48 -23.41 -9.66
N PHE A 52 -3.62 -23.10 -8.37
CA PHE A 52 -3.80 -21.73 -7.93
C PHE A 52 -2.61 -20.86 -8.34
N LEU A 53 -1.39 -21.33 -8.06
CA LEU A 53 -0.19 -20.55 -8.38
C LEU A 53 -0.13 -20.22 -9.86
N ALA A 54 -0.59 -21.14 -10.72
CA ALA A 54 -0.49 -20.91 -12.16
C ALA A 54 -1.41 -19.79 -12.62
N GLN A 55 -2.37 -19.38 -11.77
CA GLN A 55 -3.29 -18.30 -12.13
C GLN A 55 -2.74 -16.92 -11.77
N LEU A 56 -1.64 -16.82 -11.07
CA LEU A 56 -1.20 -15.52 -10.55
C LEU A 56 -0.35 -14.82 -11.60
N PRO A 57 -0.61 -13.54 -11.87
CA PRO A 57 0.22 -12.81 -12.85
C PRO A 57 1.57 -12.46 -12.27
N GLU A 58 2.60 -12.53 -13.12
N GLU A 58 2.59 -12.52 -13.11
CA GLU A 58 3.95 -12.24 -12.65
CA GLU A 58 3.94 -12.24 -12.64
C GLU A 58 4.20 -10.77 -12.43
C GLU A 58 4.18 -10.75 -12.40
N ASN A 59 3.39 -9.89 -13.03
CA ASN A 59 3.64 -8.46 -12.98
C ASN A 59 2.43 -7.64 -12.59
N ASP A 60 1.48 -8.22 -11.86
CA ASP A 60 0.35 -7.45 -11.32
C ASP A 60 -0.03 -8.08 -10.00
N CYS A 61 -0.72 -7.30 -9.18
CA CYS A 61 -1.13 -7.77 -7.85
C CYS A 61 -2.48 -8.47 -7.93
N ARG A 62 -2.74 -9.35 -6.95
CA ARG A 62 -4.06 -9.94 -6.77
C ARG A 62 -4.32 -10.11 -5.27
N TYR A 63 -5.60 -10.21 -4.93
CA TYR A 63 -6.02 -10.81 -3.67
C TYR A 63 -6.52 -12.24 -3.93
N ALA A 64 -6.41 -13.08 -2.91
CA ALA A 64 -6.89 -14.44 -3.06
C ALA A 64 -7.34 -15.00 -1.73
N ILE A 65 -8.27 -15.93 -1.78
CA ILE A 65 -8.62 -16.76 -0.63
C ILE A 65 -8.31 -18.19 -1.04
N PHE A 66 -7.56 -18.90 -0.20
CA PHE A 66 -7.27 -20.32 -0.42
C PHE A 66 -7.74 -21.09 0.80
N ASP A 67 -8.50 -22.17 0.56
CA ASP A 67 -8.98 -23.05 1.63
C ASP A 67 -7.89 -24.12 1.80
N TYR A 68 -6.92 -23.84 2.68
CA TYR A 68 -5.74 -24.67 2.78
C TYR A 68 -6.00 -25.85 3.71
N GLU A 69 -5.82 -27.05 3.20
CA GLU A 69 -6.00 -28.29 3.95
C GLU A 69 -4.63 -28.82 4.35
N PHE A 70 -4.45 -29.04 5.64
CA PHE A 70 -3.20 -29.60 6.12
C PHE A 70 -3.19 -31.12 5.95
N GLU A 71 -2.00 -31.71 6.02
CA GLU A 71 -1.90 -33.16 5.91
C GLU A 71 -2.66 -33.82 7.05
N VAL A 72 -3.27 -34.97 6.74
CA VAL A 72 -4.05 -35.67 7.76
C VAL A 72 -3.15 -36.04 8.93
N ASP A 73 -3.61 -35.73 10.15
CA ASP A 73 -2.85 -35.99 11.37
C ASP A 73 -3.80 -35.86 12.56
N GLY A 74 -4.50 -36.95 12.90
CA GLY A 74 -5.59 -36.83 13.84
C GLY A 74 -6.71 -35.98 13.26
N GLY A 75 -7.21 -36.38 12.10
CA GLY A 75 -8.18 -35.60 11.38
C GLY A 75 -7.49 -34.63 10.43
N GLN A 76 -8.31 -33.95 9.64
CA GLN A 76 -7.81 -33.00 8.65
C GLN A 76 -8.25 -31.60 9.05
N ARG A 77 -7.29 -30.77 9.43
CA ARG A 77 -7.55 -29.37 9.74
C ARG A 77 -7.44 -28.54 8.47
N ASN A 78 -8.14 -27.41 8.46
CA ASN A 78 -8.03 -26.48 7.34
C ASN A 78 -7.94 -25.06 7.89
N LYS A 79 -7.49 -24.15 7.02
CA LYS A 79 -7.36 -22.74 7.37
C LYS A 79 -7.80 -21.93 6.17
N ILE A 80 -8.65 -20.94 6.41
CA ILE A 80 -9.04 -19.98 5.39
C ILE A 80 -7.94 -18.91 5.31
N VAL A 81 -7.20 -18.91 4.21
CA VAL A 81 -6.01 -18.08 4.06
C VAL A 81 -6.31 -16.95 3.09
N PHE A 82 -6.12 -15.73 3.54
CA PHE A 82 -6.21 -14.54 2.70
C PHE A 82 -4.80 -14.18 2.26
N ILE A 83 -4.62 -13.97 0.95
N ILE A 83 -4.58 -14.01 0.97
CA ILE A 83 -3.30 -13.72 0.37
CA ILE A 83 -3.25 -13.66 0.49
C ILE A 83 -3.33 -12.41 -0.42
C ILE A 83 -3.34 -12.40 -0.35
N LEU A 84 -2.36 -11.53 -0.18
CA LEU A 84 -2.10 -10.41 -1.06
C LEU A 84 -0.83 -10.81 -1.84
N TRP A 85 -1.00 -10.97 -3.13
CA TRP A 85 0.07 -11.26 -4.06
C TRP A 85 0.51 -9.93 -4.63
N ALA A 86 1.72 -9.51 -4.29
CA ALA A 86 2.25 -8.22 -4.67
C ALA A 86 3.68 -8.39 -5.18
N PRO A 87 3.83 -8.95 -6.37
CA PRO A 87 5.18 -9.18 -6.90
C PRO A 87 5.92 -7.86 -7.11
N ASP A 88 7.23 -7.91 -6.87
CA ASP A 88 8.04 -6.70 -7.02
C ASP A 88 7.98 -6.13 -8.44
N SER A 89 7.75 -6.98 -9.43
N SER A 89 7.76 -6.99 -9.43
CA SER A 89 7.70 -6.52 -10.81
CA SER A 89 7.68 -6.56 -10.82
C SER A 89 6.40 -5.80 -11.16
C SER A 89 6.42 -5.78 -11.14
N ALA A 90 5.43 -5.76 -10.24
CA ALA A 90 4.22 -5.00 -10.49
C ALA A 90 4.53 -3.51 -10.49
N PRO A 91 3.81 -2.71 -11.28
CA PRO A 91 4.01 -1.25 -11.23
C PRO A 91 3.67 -0.71 -9.84
N ILE A 92 4.40 0.34 -9.44
CA ILE A 92 4.20 0.89 -8.10
C ILE A 92 2.75 1.32 -7.91
N LYS A 93 2.13 1.87 -8.96
CA LYS A 93 0.73 2.27 -8.83
C LYS A 93 -0.18 1.09 -8.47
N SER A 94 0.05 -0.06 -9.11
N SER A 94 0.06 -0.07 -9.09
CA SER A 94 -0.70 -1.26 -8.77
CA SER A 94 -0.72 -1.25 -8.75
C SER A 94 -0.45 -1.66 -7.32
C SER A 94 -0.45 -1.70 -7.33
N LYS A 95 0.83 -1.73 -6.92
CA LYS A 95 1.16 -2.13 -5.56
C LYS A 95 0.46 -1.23 -4.54
N MET A 96 0.49 0.08 -4.78
CA MET A 96 -0.13 1.01 -3.84
C MET A 96 -1.65 0.87 -3.85
N MET A 97 -2.25 0.65 -5.02
N MET A 97 -2.25 0.64 -5.03
CA MET A 97 -3.70 0.50 -5.10
CA MET A 97 -3.69 0.49 -5.11
C MET A 97 -4.17 -0.74 -4.33
C MET A 97 -4.17 -0.74 -4.33
N TYR A 98 -3.46 -1.86 -4.47
CA TYR A 98 -3.88 -3.07 -3.78
C TYR A 98 -3.60 -2.95 -2.28
N ALA A 99 -2.53 -2.24 -1.89
CA ALA A 99 -2.31 -1.98 -0.48
C ALA A 99 -3.46 -1.16 0.10
N SER A 100 -3.83 -0.09 -0.60
CA SER A 100 -4.89 0.79 -0.08
C SER A 100 -6.22 0.08 0.10
N SER A 101 -6.53 -0.91 -0.76
CA SER A 101 -7.84 -1.54 -0.78
C SER A 101 -7.89 -2.83 0.01
N LYS A 102 -6.78 -3.26 0.61
CA LYS A 102 -6.73 -4.57 1.23
C LYS A 102 -7.72 -4.68 2.38
N ASP A 103 -7.81 -3.64 3.21
N ASP A 103 -7.76 -3.65 3.23
CA ASP A 103 -8.69 -3.74 4.37
CA ASP A 103 -8.69 -3.65 4.36
C ASP A 103 -10.16 -3.72 3.95
C ASP A 103 -10.12 -3.80 3.88
N ALA A 104 -10.52 -2.99 2.90
CA ALA A 104 -11.89 -3.06 2.40
C ALA A 104 -12.32 -4.48 2.04
N ILE A 105 -11.48 -5.20 1.31
CA ILE A 105 -11.89 -6.55 0.90
C ILE A 105 -11.85 -7.50 2.09
N LYS A 106 -10.86 -7.36 2.96
CA LYS A 106 -10.81 -8.23 4.14
C LYS A 106 -12.03 -8.02 5.01
N LYS A 107 -12.45 -6.77 5.18
CA LYS A 107 -13.59 -6.44 6.04
C LYS A 107 -14.86 -7.09 5.54
N LYS A 108 -14.96 -7.34 4.24
CA LYS A 108 -16.16 -7.92 3.66
C LYS A 108 -16.19 -9.44 3.71
N LEU A 109 -15.11 -10.09 4.16
CA LEU A 109 -15.00 -11.54 4.19
C LEU A 109 -15.03 -12.00 5.65
N ASP A 110 -16.12 -12.67 6.03
CA ASP A 110 -16.31 -13.15 7.39
C ASP A 110 -15.70 -14.55 7.50
N GLY A 111 -14.54 -14.63 8.15
CA GLY A 111 -13.97 -15.93 8.45
C GLY A 111 -12.54 -16.14 8.00
N ILE A 112 -11.82 -15.06 7.68
CA ILE A 112 -10.39 -15.20 7.40
C ILE A 112 -9.67 -15.63 8.66
N GLN A 113 -8.84 -16.67 8.54
CA GLN A 113 -8.10 -17.20 9.68
C GLN A 113 -6.61 -16.92 9.60
N VAL A 114 -6.07 -16.71 8.39
CA VAL A 114 -4.64 -16.51 8.16
C VAL A 114 -4.49 -15.46 7.08
N GLU A 115 -3.44 -14.63 7.22
CA GLU A 115 -3.12 -13.59 6.24
C GLU A 115 -1.67 -13.74 5.78
N VAL A 116 -1.46 -13.76 4.47
CA VAL A 116 -0.13 -13.83 3.88
C VAL A 116 0.03 -12.67 2.91
N GLN A 117 1.17 -12.00 2.98
CA GLN A 117 1.61 -11.05 1.96
C GLN A 117 2.83 -11.66 1.30
N ALA A 118 2.78 -11.85 -0.01
CA ALA A 118 3.83 -12.55 -0.74
C ALA A 118 4.27 -11.69 -1.92
N THR A 119 5.59 -11.57 -2.10
CA THR A 119 6.14 -10.74 -3.14
C THR A 119 7.05 -11.48 -4.12
N ASP A 120 7.33 -12.77 -3.89
CA ASP A 120 8.18 -13.53 -4.77
C ASP A 120 7.79 -15.00 -4.72
N ALA A 121 8.49 -15.81 -5.53
CA ALA A 121 8.11 -17.22 -5.67
C ALA A 121 8.26 -18.00 -4.38
N ASP A 122 9.14 -17.54 -3.48
CA ASP A 122 9.34 -18.23 -2.21
C ASP A 122 8.24 -17.92 -1.20
N GLU A 123 7.86 -16.65 -1.08
CA GLU A 123 6.84 -16.26 -0.11
C GLU A 123 5.46 -16.76 -0.47
N ILE A 124 5.20 -17.03 -1.76
CA ILE A 124 3.90 -17.58 -2.18
C ILE A 124 3.92 -19.09 -2.27
N SER A 125 5.08 -19.73 -2.10
CA SER A 125 5.18 -21.18 -2.22
C SER A 125 4.33 -21.87 -1.16
N GLU A 126 3.97 -23.13 -1.45
CA GLU A 126 3.10 -23.84 -0.51
C GLU A 126 3.79 -24.06 0.83
N ASP A 127 5.10 -24.32 0.83
CA ASP A 127 5.81 -24.50 2.10
C ASP A 127 5.69 -23.25 2.97
N ALA A 128 5.89 -22.07 2.38
CA ALA A 128 5.81 -20.84 3.14
C ALA A 128 4.40 -20.60 3.67
N VAL A 129 3.38 -20.79 2.83
CA VAL A 129 2.02 -20.56 3.27
C VAL A 129 1.62 -21.59 4.33
N LYS A 130 2.04 -22.84 4.13
CA LYS A 130 1.73 -23.90 5.10
C LYS A 130 2.24 -23.51 6.48
N GLU A 131 3.51 -23.10 6.57
CA GLU A 131 4.10 -22.75 7.87
C GLU A 131 3.38 -21.56 8.49
N ARG A 132 3.03 -20.57 7.68
CA ARG A 132 2.31 -19.41 8.17
C ARG A 132 0.92 -19.79 8.66
N ALA A 133 0.29 -20.80 8.02
CA ALA A 133 -1.05 -21.24 8.40
C ALA A 133 -1.04 -22.22 9.56
N LYS A 134 -0.08 -23.15 9.58
CA LYS A 134 0.15 -23.97 10.78
C LYS A 134 0.24 -23.11 12.03
N LYS A 135 0.70 -21.88 11.88
CA LYS A 135 1.19 -21.05 12.97
C LYS A 135 0.05 -20.31 13.64
N GLY B 1 1.27 23.45 22.85
CA GLY B 1 2.64 23.03 23.25
C GLY B 1 3.65 23.57 22.26
N PRO B 2 4.93 23.23 22.44
CA PRO B 2 5.93 23.68 21.46
C PRO B 2 5.76 22.95 20.13
N GLY B 3 6.01 23.68 19.05
CA GLY B 3 6.01 23.06 17.73
C GLY B 3 7.21 22.14 17.60
N ILE B 4 6.98 20.99 16.97
CA ILE B 4 8.03 19.98 16.80
C ILE B 4 9.25 20.63 16.16
N ALA B 5 10.43 20.13 16.50
CA ALA B 5 11.66 20.67 15.92
C ALA B 5 11.89 20.12 14.53
N VAL B 6 12.60 20.91 13.71
CA VAL B 6 13.00 20.51 12.37
C VAL B 6 14.52 20.52 12.32
N SER B 7 15.11 19.41 11.87
CA SER B 7 16.56 19.33 11.88
C SER B 7 17.15 20.28 10.84
N ASP B 8 18.39 20.68 11.08
CA ASP B 8 19.09 21.54 10.13
C ASP B 8 19.16 20.88 8.77
N ASP B 9 19.31 19.55 8.74
CA ASP B 9 19.43 18.82 7.47
C ASP B 9 18.18 18.99 6.62
N CYS B 10 17.00 19.02 7.25
CA CYS B 10 15.77 19.24 6.50
C CYS B 10 15.81 20.58 5.77
N VAL B 11 16.22 21.63 6.48
CA VAL B 11 16.25 22.95 5.86
C VAL B 11 17.31 23.01 4.78
N GLN B 12 18.47 22.42 5.02
CA GLN B 12 19.54 22.45 4.04
C GLN B 12 19.13 21.74 2.76
N LYS B 13 18.54 20.55 2.87
CA LYS B 13 18.14 19.81 1.68
C LYS B 13 17.02 20.51 0.94
N PHE B 14 16.07 21.11 1.68
CA PHE B 14 15.00 21.88 1.05
C PHE B 14 15.56 23.06 0.28
N ASN B 15 16.54 23.77 0.85
CA ASN B 15 17.15 24.89 0.15
C ASN B 15 17.83 24.43 -1.14
N GLU B 16 18.48 23.27 -1.13
CA GLU B 16 19.08 22.74 -2.34
C GLU B 16 18.02 22.44 -3.39
N LEU B 17 16.94 21.78 -2.98
CA LEU B 17 15.83 21.54 -3.89
C LEU B 17 15.32 22.85 -4.47
N LYS B 18 15.12 23.85 -3.61
CA LYS B 18 14.66 25.16 -4.06
C LYS B 18 15.57 25.72 -5.15
N LEU B 19 16.89 25.55 -5.00
CA LEU B 19 17.83 26.16 -5.92
C LEU B 19 17.83 25.49 -7.28
N GLY B 20 17.29 24.28 -7.39
CA GLY B 20 17.24 23.57 -8.65
C GLY B 20 18.50 22.79 -8.93
N LYS B 21 18.36 21.78 -9.80
CA LYS B 21 19.46 21.00 -10.34
C LYS B 21 20.20 20.18 -9.29
N LYS B 22 19.61 19.97 -8.11
CA LYS B 22 20.29 19.25 -7.04
C LYS B 22 19.51 18.05 -6.53
N HIS B 23 18.23 18.23 -6.19
CA HIS B 23 17.43 17.13 -5.67
C HIS B 23 15.99 17.30 -6.16
N ARG B 24 15.45 16.23 -6.77
CA ARG B 24 14.08 16.29 -7.27
C ARG B 24 13.08 16.28 -6.12
N TYR B 25 13.40 15.58 -5.05
CA TYR B 25 12.50 15.49 -3.92
C TYR B 25 13.27 15.13 -2.66
N VAL B 26 12.61 15.30 -1.51
CA VAL B 26 13.14 14.91 -0.21
C VAL B 26 12.00 14.34 0.59
N ILE B 27 12.26 13.27 1.33
CA ILE B 27 11.28 12.63 2.19
C ILE B 27 11.74 12.83 3.62
N PHE B 28 10.86 13.36 4.47
CA PHE B 28 11.11 13.57 5.88
C PHE B 28 10.25 12.64 6.72
N LYS B 29 10.70 12.38 7.93
CA LYS B 29 9.91 11.61 8.88
C LYS B 29 10.14 12.15 10.29
N LEU B 30 9.27 11.75 11.22
CA LEU B 30 9.54 12.01 12.64
C LEU B 30 10.58 11.03 13.15
N ASN B 31 11.50 11.52 14.00
CA ASN B 31 12.51 10.63 14.57
C ASN B 31 11.82 9.65 15.53
N ASP B 32 12.61 8.73 16.10
CA ASP B 32 12.05 7.66 16.91
C ASP B 32 11.30 8.21 18.12
N ASP B 33 11.85 9.23 18.78
CA ASP B 33 11.20 9.82 19.93
C ASP B 33 10.08 10.79 19.56
N ASN B 34 9.86 11.05 18.27
CA ASN B 34 8.86 12.01 17.82
C ASN B 34 9.10 13.40 18.40
N THR B 35 10.37 13.80 18.47
CA THR B 35 10.73 15.13 18.96
C THR B 35 11.26 16.03 17.86
N GLU B 36 11.51 15.50 16.67
CA GLU B 36 12.16 16.26 15.63
C GLU B 36 11.86 15.63 14.27
N VAL B 37 11.72 16.48 13.26
CA VAL B 37 11.61 16.04 11.88
C VAL B 37 13.00 15.92 11.28
N VAL B 38 13.28 14.78 10.65
CA VAL B 38 14.59 14.46 10.10
C VAL B 38 14.46 14.00 8.66
N VAL B 39 15.57 14.02 7.94
CA VAL B 39 15.58 13.58 6.55
C VAL B 39 15.69 12.05 6.50
N GLU B 40 14.85 11.44 5.71
CA GLU B 40 14.92 9.99 5.50
C GLU B 40 15.51 9.63 4.14
N LYS B 41 14.96 10.18 3.06
CA LYS B 41 15.40 9.88 1.70
C LYS B 41 15.59 11.17 0.94
N VAL B 42 16.60 11.20 0.07
CA VAL B 42 16.81 12.30 -0.87
C VAL B 42 16.78 11.72 -2.26
N GLY B 43 16.06 12.38 -3.17
CA GLY B 43 16.04 11.98 -4.55
C GLY B 43 17.13 12.70 -5.34
N GLY B 44 17.72 11.97 -6.28
CA GLY B 44 18.69 12.55 -7.19
C GLY B 44 18.09 13.69 -7.98
N PRO B 45 18.94 14.47 -8.64
CA PRO B 45 18.44 15.68 -9.32
C PRO B 45 17.42 15.40 -10.41
N ASN B 46 17.41 14.20 -10.99
CA ASN B 46 16.47 13.86 -12.05
C ASN B 46 15.75 12.54 -11.78
N ALA B 47 15.49 12.23 -10.51
CA ALA B 47 14.67 11.08 -10.18
C ALA B 47 13.23 11.33 -10.63
N THR B 48 12.47 10.25 -10.78
CA THR B 48 11.11 10.32 -11.28
C THR B 48 10.10 10.26 -10.14
N TYR B 49 8.85 10.59 -10.46
CA TYR B 49 7.80 10.52 -9.45
C TYR B 49 7.58 9.09 -8.99
N GLU B 50 7.75 8.12 -9.90
CA GLU B 50 7.65 6.72 -9.52
C GLU B 50 8.77 6.33 -8.55
N ASP B 51 9.98 6.84 -8.78
CA ASP B 51 11.07 6.64 -7.81
C ASP B 51 10.65 7.10 -6.42
N PHE B 52 10.03 8.29 -6.35
CA PHE B 52 9.56 8.83 -5.07
C PHE B 52 8.50 7.91 -4.45
N LEU B 53 7.50 7.51 -5.26
CA LEU B 53 6.42 6.67 -4.74
C LEU B 53 6.96 5.39 -4.13
N ALA B 54 7.98 4.80 -4.76
CA ALA B 54 8.49 3.52 -4.28
C ALA B 54 9.21 3.61 -2.94
N GLN B 55 9.54 4.82 -2.50
N GLN B 55 9.54 4.81 -2.48
CA GLN B 55 10.22 5.05 -1.22
CA GLN B 55 10.22 4.98 -1.20
C GLN B 55 9.26 5.31 -0.07
C GLN B 55 9.27 5.36 -0.07
N LEU B 56 7.95 5.42 -0.33
CA LEU B 56 6.99 5.69 0.72
C LEU B 56 6.64 4.41 1.47
N PRO B 57 6.55 4.46 2.79
CA PRO B 57 6.07 3.29 3.54
C PRO B 57 4.62 3.01 3.23
N GLU B 58 4.21 1.74 3.45
CA GLU B 58 2.81 1.40 3.26
C GLU B 58 1.95 1.68 4.49
N ASN B 59 2.50 1.55 5.70
CA ASN B 59 1.71 1.67 6.91
C ASN B 59 2.27 2.69 7.90
N ASP B 60 2.97 3.71 7.42
CA ASP B 60 3.42 4.82 8.25
C ASP B 60 3.33 6.08 7.43
N CYS B 61 3.31 7.23 8.11
CA CYS B 61 3.21 8.51 7.45
C CYS B 61 4.61 9.06 7.10
N ARG B 62 4.65 9.94 6.09
CA ARG B 62 5.82 10.74 5.78
C ARG B 62 5.41 12.12 5.30
N TYR B 63 6.35 13.07 5.42
CA TYR B 63 6.30 14.33 4.71
C TYR B 63 7.22 14.24 3.48
N ALA B 64 6.92 14.98 2.44
CA ALA B 64 7.83 15.06 1.31
C ALA B 64 7.71 16.44 0.67
N ILE B 65 8.78 16.86 0.03
CA ILE B 65 8.77 18.03 -0.85
C ILE B 65 9.24 17.58 -2.20
N PHE B 66 8.46 17.89 -3.23
CA PHE B 66 8.71 17.44 -4.60
C PHE B 66 8.71 18.67 -5.49
N ASP B 67 9.80 18.85 -6.25
CA ASP B 67 9.93 19.94 -7.22
C ASP B 67 9.32 19.44 -8.51
N TYR B 68 8.01 19.62 -8.67
CA TYR B 68 7.29 18.96 -9.75
C TYR B 68 7.31 19.82 -11.01
N GLU B 69 7.74 19.23 -12.12
CA GLU B 69 7.72 19.86 -13.43
C GLU B 69 6.44 19.46 -14.15
N PHE B 70 5.59 20.44 -14.45
CA PHE B 70 4.38 20.18 -15.24
C PHE B 70 4.07 21.39 -16.13
N ASN B 78 8.71 23.24 -11.59
CA ASN B 78 8.25 24.63 -11.59
C ASN B 78 7.16 24.91 -10.55
N LYS B 79 6.88 23.93 -9.69
CA LYS B 79 6.12 24.18 -8.45
C LYS B 79 6.68 23.33 -7.33
N ILE B 80 6.91 23.96 -6.18
CA ILE B 80 7.36 23.27 -4.98
C ILE B 80 6.12 22.70 -4.28
N VAL B 81 6.00 21.38 -4.25
CA VAL B 81 4.85 20.71 -3.68
C VAL B 81 5.24 20.09 -2.34
N PHE B 82 4.51 20.44 -1.28
CA PHE B 82 4.63 19.80 0.02
C PHE B 82 3.55 18.71 0.14
N ILE B 83 3.97 17.51 0.52
CA ILE B 83 3.06 16.37 0.60
C ILE B 83 3.08 15.79 2.02
N LEU B 84 1.90 15.54 2.56
CA LEU B 84 1.73 14.71 3.75
C LEU B 84 1.15 13.37 3.27
N TRP B 85 1.94 12.30 3.40
CA TRP B 85 1.50 10.94 3.11
C TRP B 85 1.01 10.34 4.39
N ALA B 86 -0.29 10.09 4.49
CA ALA B 86 -0.92 9.58 5.71
C ALA B 86 -1.87 8.45 5.34
N PRO B 87 -1.33 7.28 5.02
CA PRO B 87 -2.20 6.16 4.61
C PRO B 87 -3.14 5.76 5.72
N ASP B 88 -4.35 5.33 5.32
CA ASP B 88 -5.36 4.95 6.30
C ASP B 88 -4.88 3.85 7.22
N SER B 89 -3.97 2.99 6.75
CA SER B 89 -3.48 1.87 7.56
C SER B 89 -2.44 2.28 8.60
N ALA B 90 -1.95 3.52 8.58
CA ALA B 90 -1.01 3.94 9.62
C ALA B 90 -1.74 4.04 10.95
N PRO B 91 -1.01 3.89 12.06
CA PRO B 91 -1.65 4.04 13.38
C PRO B 91 -2.24 5.44 13.56
N ILE B 92 -3.38 5.51 14.24
CA ILE B 92 -4.06 6.81 14.38
C ILE B 92 -3.15 7.81 15.11
N LYS B 93 -2.44 7.35 16.14
CA LYS B 93 -1.49 8.21 16.83
C LYS B 93 -0.49 8.82 15.85
N SER B 94 0.04 8.00 14.95
N SER B 94 0.06 7.99 14.96
CA SER B 94 1.02 8.52 13.99
CA SER B 94 1.01 8.49 13.98
C SER B 94 0.38 9.51 13.03
C SER B 94 0.37 9.51 13.05
N LYS B 95 -0.81 9.19 12.51
CA LYS B 95 -1.49 10.11 11.62
C LYS B 95 -1.76 11.46 12.32
N MET B 96 -2.15 11.42 13.57
CA MET B 96 -2.47 12.64 14.30
C MET B 96 -1.21 13.44 14.55
N MET B 97 -0.12 12.76 14.94
N MET B 97 -0.12 12.76 14.89
CA MET B 97 1.15 13.45 15.17
CA MET B 97 1.13 13.47 15.16
C MET B 97 1.66 14.13 13.90
C MET B 97 1.69 14.12 13.90
N TYR B 98 1.62 13.42 12.77
CA TYR B 98 2.10 14.02 11.53
C TYR B 98 1.21 15.18 11.11
N ALA B 99 -0.11 15.02 11.26
CA ALA B 99 -1.00 16.11 10.90
C ALA B 99 -0.76 17.32 11.80
N SER B 100 -0.57 17.08 13.10
CA SER B 100 -0.45 18.19 14.04
C SER B 100 0.80 19.03 13.79
N SER B 101 1.87 18.42 13.26
CA SER B 101 3.13 19.09 13.07
C SER B 101 3.31 19.65 11.67
N LYS B 102 2.37 19.41 10.76
CA LYS B 102 2.52 19.84 9.37
C LYS B 102 2.73 21.35 9.29
N ASP B 103 1.92 22.12 10.02
CA ASP B 103 2.01 23.57 9.89
C ASP B 103 3.35 24.10 10.36
N ALA B 104 3.87 23.55 11.46
CA ALA B 104 5.16 24.01 11.97
C ALA B 104 6.29 23.74 11.00
N ILE B 105 6.18 22.66 10.22
CA ILE B 105 7.20 22.38 9.21
C ILE B 105 7.10 23.36 8.07
N LYS B 106 5.90 23.53 7.50
CA LYS B 106 5.71 24.46 6.39
C LYS B 106 6.23 25.84 6.76
N LYS B 107 6.07 26.23 8.03
CA LYS B 107 6.62 27.49 8.51
C LYS B 107 8.13 27.57 8.22
N LYS B 108 8.89 26.61 8.76
CA LYS B 108 10.34 26.63 8.59
C LYS B 108 10.75 26.52 7.14
N LEU B 109 9.92 25.93 6.28
CA LEU B 109 10.30 25.65 4.90
C LEU B 109 9.66 26.68 3.98
N ASP B 110 10.28 27.86 3.94
N ASP B 110 10.27 27.87 3.94
CA ASP B 110 9.77 28.97 3.15
CA ASP B 110 9.71 28.97 3.17
C ASP B 110 9.78 28.64 1.67
C ASP B 110 9.77 28.69 1.68
N GLY B 111 8.67 28.93 0.99
CA GLY B 111 8.60 28.79 -0.46
C GLY B 111 7.75 27.65 -0.97
N ILE B 112 7.06 26.93 -0.08
CA ILE B 112 6.13 25.90 -0.54
C ILE B 112 5.00 26.57 -1.29
N GLN B 113 4.73 26.09 -2.51
CA GLN B 113 3.67 26.66 -3.34
C GLN B 113 2.38 25.85 -3.33
N VAL B 114 2.46 24.54 -3.13
CA VAL B 114 1.29 23.66 -3.19
C VAL B 114 1.36 22.71 -2.01
N GLU B 115 0.21 22.40 -1.41
CA GLU B 115 0.11 21.41 -0.35
C GLU B 115 -0.85 20.30 -0.78
N VAL B 116 -0.42 19.04 -0.61
CA VAL B 116 -1.22 17.87 -0.93
C VAL B 116 -1.24 16.97 0.29
N GLN B 117 -2.44 16.63 0.77
CA GLN B 117 -2.63 15.62 1.80
C GLN B 117 -3.18 14.37 1.10
N ALA B 118 -2.47 13.25 1.23
CA ALA B 118 -2.82 12.03 0.52
C ALA B 118 -2.92 10.89 1.52
N THR B 119 -4.03 10.14 1.44
CA THR B 119 -4.29 9.05 2.34
C THR B 119 -4.45 7.72 1.62
N ASP B 120 -4.40 7.70 0.29
CA ASP B 120 -4.51 6.44 -0.44
C ASP B 120 -3.82 6.59 -1.79
N ALA B 121 -3.85 5.53 -2.58
CA ALA B 121 -3.08 5.47 -3.82
C ALA B 121 -3.53 6.53 -4.83
N ASP B 122 -4.82 6.85 -4.87
CA ASP B 122 -5.29 7.83 -5.84
C ASP B 122 -4.86 9.25 -5.46
N GLU B 123 -4.93 9.58 -4.18
CA GLU B 123 -4.61 10.96 -3.77
C GLU B 123 -3.12 11.27 -3.91
N ILE B 124 -2.25 10.26 -3.80
CA ILE B 124 -0.81 10.48 -3.99
C ILE B 124 -0.35 10.23 -5.41
N SER B 125 -1.26 9.86 -6.30
CA SER B 125 -0.85 9.61 -7.69
C SER B 125 -0.34 10.90 -8.34
N GLU B 126 0.42 10.72 -9.42
CA GLU B 126 0.95 11.89 -10.12
C GLU B 126 -0.15 12.80 -10.64
N ASP B 127 -1.22 12.21 -11.17
CA ASP B 127 -2.31 13.03 -11.71
C ASP B 127 -2.96 13.87 -10.62
N ALA B 128 -3.03 13.34 -9.40
CA ALA B 128 -3.58 14.12 -8.30
C ALA B 128 -2.68 15.30 -7.95
N VAL B 129 -1.36 15.10 -8.05
CA VAL B 129 -0.42 16.15 -7.65
C VAL B 129 -0.43 17.29 -8.65
N LYS B 130 -0.51 16.97 -9.95
CA LYS B 130 -0.66 18.02 -10.96
C LYS B 130 -1.94 18.82 -10.73
N GLU B 131 -3.03 18.14 -10.38
CA GLU B 131 -4.31 18.81 -10.17
C GLU B 131 -4.17 19.95 -9.17
N ARG B 132 -3.73 19.64 -7.94
CA ARG B 132 -3.53 20.68 -6.94
C ARG B 132 -2.56 21.75 -7.43
N ALA B 133 -1.55 21.36 -8.22
CA ALA B 133 -0.58 22.33 -8.70
C ALA B 133 -1.18 23.27 -9.74
N LYS B 134 -2.09 22.75 -10.57
CA LYS B 134 -2.80 23.56 -11.56
C LYS B 134 -1.85 24.11 -12.61
#